data_5BNV
#
_entry.id   5BNV
#
_cell.length_a   110.592
_cell.length_b   110.592
_cell.length_c   203.265
_cell.angle_alpha   90.00
_cell.angle_beta   90.00
_cell.angle_gamma   90.00
#
_symmetry.space_group_name_H-M   'P 41 21 2'
#
loop_
_entity.id
_entity.type
_entity.pdbx_description
1 polymer 'Histone H3.3'
2 polymer 'Histone H4'
3 polymer 'DNA replication licensing factor MCM2'
4 non-polymer 'PHOSPHATE ION'
5 water water
#
loop_
_entity_poly.entity_id
_entity_poly.type
_entity_poly.pdbx_seq_one_letter_code
_entity_poly.pdbx_strand_id
1 'polypeptide(L)' STELLIRKLPFQRLVREIAQDFKTDLRFQSAAIGALQEASEAYLVGLFEDTNLCAIHAKRVTIMPKDIQLARRIRGERA A,D
2 'polypeptide(L)'
;SGRGKGGKGLGKGGAKRHRKVLRDNIQGITKPAIRRLARRGGVKRISGLIYEETRGVLKVFLENVIRDAVTYTEHAKRKT
VTAMDVVYALKRQGRTLYGFGG
;
B,E
3 'polypeptide(L)' GPLEEEEDGEELIGDGMERDYRAIPELDAYEAEGLALDDEDVEELTASQREAAERAMRQRDREAGRGLGR F,C
#
loop_
_chem_comp.id
_chem_comp.type
_chem_comp.name
_chem_comp.formula
PO4 non-polymer 'PHOSPHATE ION' 'O4 P -3'
#
# COMPACT_ATOMS: atom_id res chain seq x y z
N THR A 2 13.89 -2.09 -23.17
CA THR A 2 15.17 -2.76 -23.40
C THR A 2 16.11 -1.87 -24.22
N GLU A 3 16.92 -1.03 -23.57
CA GLU A 3 16.86 -0.68 -22.14
C GLU A 3 16.06 0.61 -21.95
N LEU A 4 15.46 1.04 -23.05
CA LEU A 4 14.75 2.29 -23.14
C LEU A 4 13.32 2.15 -22.64
N LEU A 5 12.86 3.09 -21.84
CA LEU A 5 11.44 3.14 -21.52
C LEU A 5 10.85 4.49 -21.89
N ILE A 6 11.06 5.49 -21.03
CA ILE A 6 10.63 6.86 -21.31
C ILE A 6 11.81 7.64 -21.87
N ARG A 7 11.56 8.56 -22.80
CA ARG A 7 12.68 9.34 -23.30
C ARG A 7 13.02 10.49 -22.38
N LYS A 8 14.31 10.75 -22.27
CA LYS A 8 14.82 11.71 -21.29
C LYS A 8 14.26 13.10 -21.45
N LEU A 9 14.42 13.69 -22.63
CA LEU A 9 13.99 15.08 -22.82
C LEU A 9 12.51 15.34 -22.51
N PRO A 10 11.58 14.54 -23.08
CA PRO A 10 10.16 14.74 -22.80
C PRO A 10 9.87 14.64 -21.32
N PHE A 11 10.52 13.68 -20.67
CA PHE A 11 10.33 13.52 -19.24
C PHE A 11 10.79 14.75 -18.45
N GLN A 12 12.01 15.21 -18.74
CA GLN A 12 12.53 16.42 -18.16
C GLN A 12 11.54 17.57 -18.28
N ARG A 13 11.07 17.77 -19.50
CA ARG A 13 10.11 18.82 -19.79
C ARG A 13 8.89 18.67 -18.91
N LEU A 14 8.45 17.43 -18.73
CA LEU A 14 7.24 17.14 -17.97
C LEU A 14 7.44 17.51 -16.50
N VAL A 15 8.59 17.13 -15.97
CA VAL A 15 8.93 17.43 -14.60
C VAL A 15 8.97 18.94 -14.39
N ARG A 16 9.69 19.66 -15.25
CA ARG A 16 9.77 21.12 -15.11
C ARG A 16 8.40 21.79 -15.17
N GLU A 17 7.58 21.35 -16.13
CA GLU A 17 6.25 21.91 -16.32
C GLU A 17 5.38 21.71 -15.08
N ILE A 18 5.49 20.53 -14.49
CA ILE A 18 4.75 20.23 -13.27
C ILE A 18 5.26 21.03 -12.08
N ALA A 19 6.58 21.15 -11.97
CA ALA A 19 7.20 21.85 -10.86
C ALA A 19 6.91 23.35 -10.85
N GLN A 20 6.67 23.93 -12.03
CA GLN A 20 6.27 25.34 -12.13
C GLN A 20 5.15 25.73 -11.17
N ASP A 21 4.01 25.07 -11.28
CA ASP A 21 2.82 25.35 -10.46
C ASP A 21 3.06 25.31 -8.95
N PHE A 22 4.14 24.65 -8.55
CA PHE A 22 4.56 24.64 -7.15
C PHE A 22 5.44 25.84 -6.81
N LYS A 23 6.61 25.93 -7.44
CA LYS A 23 7.57 26.98 -7.18
C LYS A 23 8.19 27.50 -8.47
N THR A 24 8.16 28.82 -8.67
CA THR A 24 8.73 29.41 -9.87
C THR A 24 10.25 29.55 -9.77
N ASP A 25 10.91 29.54 -10.92
CA ASP A 25 12.38 29.60 -10.99
C ASP A 25 13.09 28.50 -10.20
N LEU A 26 12.55 27.28 -10.30
CA LEU A 26 13.20 26.12 -9.70
C LEU A 26 14.32 25.59 -10.59
N ARG A 27 15.29 24.96 -9.95
CA ARG A 27 16.37 24.29 -10.68
C ARG A 27 16.53 22.86 -10.17
N PHE A 28 16.81 21.94 -11.09
CA PHE A 28 16.98 20.54 -10.74
C PHE A 28 18.40 20.09 -11.01
N GLN A 29 18.97 19.31 -10.10
CA GLN A 29 20.18 18.56 -10.41
C GLN A 29 19.82 17.49 -11.44
N SER A 30 20.78 17.13 -12.30
CA SER A 30 20.57 16.07 -13.26
C SER A 30 20.18 14.78 -12.53
N ALA A 31 20.91 14.49 -11.45
CA ALA A 31 20.67 13.29 -10.66
C ALA A 31 19.23 13.24 -10.14
N ALA A 32 18.66 14.40 -9.85
CA ALA A 32 17.28 14.48 -9.35
C ALA A 32 16.25 14.14 -10.42
N ILE A 33 16.43 14.68 -11.62
CA ILE A 33 15.55 14.36 -12.74
C ILE A 33 15.64 12.87 -12.99
N GLY A 34 16.86 12.37 -13.05
CA GLY A 34 17.09 10.94 -13.19
C GLY A 34 16.36 10.12 -12.14
N ALA A 35 16.44 10.56 -10.89
CA ALA A 35 15.82 9.84 -9.79
C ALA A 35 14.33 9.76 -10.02
N LEU A 36 13.73 10.91 -10.35
CA LEU A 36 12.31 10.91 -10.70
C LEU A 36 12.00 9.97 -11.88
N GLN A 37 12.85 9.91 -12.87
CA GLN A 37 12.56 9.06 -14.00
C GLN A 37 12.60 7.57 -13.65
N GLU A 38 13.59 7.18 -12.85
CA GLU A 38 13.71 5.81 -12.38
C GLU A 38 12.47 5.47 -11.58
N ALA A 39 12.08 6.38 -10.67
CA ALA A 39 10.97 6.11 -9.79
C ALA A 39 9.67 5.98 -10.58
N SER A 40 9.51 6.88 -11.54
CA SER A 40 8.33 6.89 -12.39
C SER A 40 8.22 5.64 -13.23
N GLU A 41 9.34 5.23 -13.81
CA GLU A 41 9.34 4.02 -14.62
C GLU A 41 9.00 2.79 -13.77
N ALA A 42 9.63 2.67 -12.60
CA ALA A 42 9.33 1.57 -11.69
C ALA A 42 7.86 1.55 -11.32
N TYR A 43 7.32 2.73 -11.02
CA TYR A 43 5.93 2.89 -10.63
C TYR A 43 5.01 2.36 -11.69
N LEU A 44 5.20 2.86 -12.90
CA LEU A 44 4.31 2.47 -14.00
C LEU A 44 4.43 1.01 -14.38
N VAL A 45 5.63 0.47 -14.33
CA VAL A 45 5.80 -0.92 -14.68
C VAL A 45 5.11 -1.83 -13.67
N GLY A 46 5.24 -1.49 -12.39
CA GLY A 46 4.59 -2.27 -11.35
C GLY A 46 3.09 -2.17 -11.54
N LEU A 47 2.63 -0.96 -11.81
CA LEU A 47 1.21 -0.73 -12.00
C LEU A 47 0.66 -1.50 -13.20
N PHE A 48 1.47 -1.71 -14.22
CA PHE A 48 1.00 -2.48 -15.36
C PHE A 48 0.99 -3.96 -15.01
N GLU A 49 1.91 -4.38 -14.14
CA GLU A 49 1.83 -5.76 -13.68
C GLU A 49 0.48 -5.99 -12.96
N ASP A 50 0.12 -5.06 -12.07
CA ASP A 50 -1.15 -5.17 -11.32
C ASP A 50 -2.38 -5.09 -12.23
N THR A 51 -2.31 -4.15 -13.15
CA THR A 51 -3.36 -3.95 -14.13
C THR A 51 -3.58 -5.26 -14.89
N ASN A 52 -2.48 -5.88 -15.27
CA ASN A 52 -2.58 -7.11 -15.99
C ASN A 52 -3.23 -8.21 -15.17
N LEU A 53 -2.89 -8.29 -13.88
CA LEU A 53 -3.56 -9.26 -13.00
C LEU A 53 -5.07 -9.08 -13.02
N CYS A 54 -5.50 -7.83 -12.96
CA CYS A 54 -6.93 -7.54 -13.09
C CYS A 54 -7.56 -8.02 -14.41
N ALA A 55 -6.91 -7.72 -15.53
CA ALA A 55 -7.46 -8.16 -16.81
C ALA A 55 -7.55 -9.68 -16.88
N ILE A 56 -6.48 -10.37 -16.51
CA ILE A 56 -6.49 -11.83 -16.44
C ILE A 56 -7.64 -12.33 -15.55
N HIS A 57 -7.92 -11.61 -14.46
CA HIS A 57 -8.97 -12.02 -13.53
C HIS A 57 -10.29 -11.97 -14.24
N ALA A 58 -10.40 -11.04 -15.18
CA ALA A 58 -11.64 -10.86 -15.93
C ALA A 58 -11.67 -11.69 -17.21
N LYS A 59 -10.69 -12.57 -17.38
CA LYS A 59 -10.58 -13.43 -18.57
C LYS A 59 -10.26 -12.67 -19.85
N ARG A 60 -9.56 -11.53 -19.71
CA ARG A 60 -9.17 -10.71 -20.87
C ARG A 60 -7.65 -10.66 -21.07
N VAL A 61 -7.21 -10.67 -22.32
CA VAL A 61 -5.82 -10.35 -22.65
C VAL A 61 -5.57 -8.86 -22.81
N THR A 62 -6.59 -8.12 -23.27
CA THR A 62 -6.45 -6.68 -23.48
C THR A 62 -6.69 -5.94 -22.18
N ILE A 63 -5.70 -5.18 -21.69
CA ILE A 63 -5.96 -4.40 -20.48
C ILE A 63 -6.72 -3.14 -20.84
N MET A 64 -7.51 -2.65 -19.89
CA MET A 64 -8.42 -1.54 -20.13
C MET A 64 -8.33 -0.55 -18.98
N PRO A 65 -8.88 0.67 -19.18
CA PRO A 65 -8.83 1.65 -18.10
C PRO A 65 -9.41 1.13 -16.78
N LYS A 66 -10.51 0.38 -16.83
CA LYS A 66 -11.07 -0.20 -15.60
C LYS A 66 -10.12 -1.15 -14.89
N ASP A 67 -9.19 -1.75 -15.62
CA ASP A 67 -8.18 -2.60 -14.98
C ASP A 67 -7.23 -1.76 -14.13
N ILE A 68 -6.74 -0.69 -14.75
CA ILE A 68 -5.88 0.25 -14.04
C ILE A 68 -6.61 0.82 -12.84
N GLN A 69 -7.84 1.27 -13.08
CA GLN A 69 -8.65 1.85 -12.02
C GLN A 69 -8.87 0.90 -10.87
N LEU A 70 -9.12 -0.37 -11.18
CA LEU A 70 -9.35 -1.32 -10.09
C LEU A 70 -8.08 -1.50 -9.31
N ALA A 71 -6.97 -1.62 -10.03
CA ALA A 71 -5.68 -1.82 -9.37
C ALA A 71 -5.36 -0.64 -8.43
N ARG A 72 -5.53 0.57 -8.94
CA ARG A 72 -5.23 1.75 -8.13
C ARG A 72 -6.22 1.84 -6.98
N ARG A 73 -7.44 1.37 -7.19
CA ARG A 73 -8.45 1.46 -6.15
C ARG A 73 -8.00 0.61 -5.00
N ILE A 74 -7.66 -0.64 -5.30
CA ILE A 74 -7.21 -1.55 -4.26
C ILE A 74 -5.93 -1.12 -3.57
N ARG A 75 -4.96 -0.58 -4.32
CA ARG A 75 -3.75 -0.07 -3.71
C ARG A 75 -4.03 1.18 -2.87
N GLY A 76 -5.23 1.73 -3.00
CA GLY A 76 -5.62 2.91 -2.25
C GLY A 76 -5.00 4.21 -2.74
N GLU A 77 -5.06 4.45 -4.04
CA GLU A 77 -4.41 5.62 -4.62
C GLU A 77 -5.34 6.81 -4.88
N ARG A 78 -6.33 6.64 -5.76
CA ARG A 78 -7.18 7.77 -6.21
C ARG A 78 -6.36 8.93 -6.81
N ARG B 19 16.42 22.67 -37.25
CA ARG B 19 15.24 23.49 -36.93
C ARG B 19 14.70 23.12 -35.57
N LYS B 20 14.71 21.82 -35.26
CA LYS B 20 14.25 21.30 -33.96
C LYS B 20 12.79 21.57 -33.65
N VAL B 21 11.95 21.38 -34.67
CA VAL B 21 10.51 21.56 -34.52
C VAL B 21 9.96 20.47 -33.60
N LEU B 22 10.68 19.34 -33.65
CA LEU B 22 10.34 18.15 -32.91
C LEU B 22 10.58 18.39 -31.44
N ARG B 23 11.84 18.68 -31.12
CA ARG B 23 12.24 18.87 -29.75
C ARG B 23 11.40 19.96 -29.10
N ASP B 24 10.97 20.93 -29.90
CA ASP B 24 10.21 22.05 -29.37
C ASP B 24 8.76 21.70 -29.11
N ASN B 25 8.19 20.86 -29.96
CA ASN B 25 6.78 20.50 -29.86
C ASN B 25 6.43 19.24 -29.11
N ILE B 26 7.40 18.60 -28.47
CA ILE B 26 7.08 17.39 -27.74
C ILE B 26 6.29 17.73 -26.47
N GLN B 27 5.26 16.94 -26.18
CA GLN B 27 4.42 17.21 -25.01
C GLN B 27 4.16 15.93 -24.26
N GLY B 28 4.58 15.89 -22.99
CA GLY B 28 4.35 14.75 -22.14
C GLY B 28 5.03 13.50 -22.67
N ILE B 29 4.75 12.35 -22.05
CA ILE B 29 5.40 11.13 -22.51
C ILE B 29 4.71 10.48 -23.71
N THR B 30 5.52 9.91 -24.58
CA THR B 30 5.05 9.45 -25.87
C THR B 30 4.31 8.11 -25.83
N LYS B 31 3.45 7.87 -26.80
CA LYS B 31 2.73 6.60 -26.86
C LYS B 31 3.64 5.38 -26.95
N PRO B 32 4.72 5.46 -27.75
CA PRO B 32 5.58 4.27 -27.73
C PRO B 32 6.27 4.04 -26.38
N ALA B 33 6.51 5.09 -25.59
CA ALA B 33 7.02 4.88 -24.22
C ALA B 33 6.03 4.03 -23.43
N ILE B 34 4.77 4.43 -23.46
CA ILE B 34 3.73 3.71 -22.78
C ILE B 34 3.72 2.24 -23.19
N ARG B 35 3.85 2.00 -24.49
CA ARG B 35 3.94 0.64 -24.99
C ARG B 35 5.14 -0.10 -24.43
N ARG B 36 6.29 0.56 -24.37
CA ARG B 36 7.46 -0.08 -23.77
C ARG B 36 7.24 -0.42 -22.29
N LEU B 37 6.53 0.45 -21.58
CA LEU B 37 6.26 0.28 -20.17
C LEU B 37 5.34 -0.93 -19.96
N ALA B 38 4.19 -0.92 -20.63
CA ALA B 38 3.27 -2.03 -20.59
C ALA B 38 3.97 -3.34 -21.00
N ARG B 39 4.80 -3.28 -22.03
CA ARG B 39 5.54 -4.47 -22.38
C ARG B 39 6.40 -4.93 -21.20
N ARG B 40 7.03 -4.00 -20.49
CA ARG B 40 7.87 -4.42 -19.37
C ARG B 40 7.06 -5.03 -18.23
N GLY B 41 5.85 -4.53 -18.04
CA GLY B 41 4.96 -5.09 -17.03
C GLY B 41 4.27 -6.36 -17.47
N GLY B 42 4.73 -6.96 -18.57
CA GLY B 42 4.19 -8.20 -19.07
C GLY B 42 2.82 -8.13 -19.77
N VAL B 43 2.29 -6.93 -19.99
CA VAL B 43 1.06 -6.79 -20.77
C VAL B 43 1.24 -7.24 -22.24
N LYS B 44 0.17 -7.77 -22.79
CA LYS B 44 0.14 -8.35 -24.13
C LYS B 44 -0.65 -7.50 -25.15
N ARG B 45 -1.91 -7.19 -24.84
CA ARG B 45 -2.69 -6.25 -25.65
C ARG B 45 -3.21 -5.10 -24.80
N ILE B 46 -3.28 -3.91 -25.41
CA ILE B 46 -3.87 -2.76 -24.73
C ILE B 46 -5.03 -2.14 -25.49
N SER B 47 -6.03 -1.70 -24.73
CA SER B 47 -7.08 -0.83 -25.26
C SER B 47 -6.49 0.52 -25.70
N GLY B 48 -7.14 1.18 -26.64
CA GLY B 48 -6.66 2.48 -27.11
C GLY B 48 -6.74 3.56 -26.05
N LEU B 49 -7.73 3.44 -25.17
CA LEU B 49 -7.91 4.37 -24.06
C LEU B 49 -6.80 4.33 -23.00
N ILE B 50 -5.99 3.27 -23.02
CA ILE B 50 -4.89 3.13 -22.07
C ILE B 50 -3.93 4.34 -22.05
N TYR B 51 -3.56 4.81 -23.22
CA TYR B 51 -2.58 5.90 -23.32
C TYR B 51 -2.98 7.10 -22.48
N GLU B 52 -4.17 7.61 -22.73
CA GLU B 52 -4.62 8.76 -21.96
C GLU B 52 -4.62 8.46 -20.47
N GLU B 53 -5.15 7.29 -20.11
CA GLU B 53 -5.25 6.90 -18.70
C GLU B 53 -3.87 6.95 -18.08
N THR B 54 -2.89 6.41 -18.81
CA THR B 54 -1.57 6.30 -18.25
C THR B 54 -0.98 7.67 -18.01
N ARG B 55 -1.15 8.56 -19.00
CA ARG B 55 -0.64 9.91 -18.86
C ARG B 55 -1.22 10.54 -17.59
N GLY B 56 -2.54 10.38 -17.40
CA GLY B 56 -3.20 10.92 -16.23
C GLY B 56 -2.53 10.40 -14.97
N VAL B 57 -2.38 9.07 -14.93
CA VAL B 57 -1.84 8.42 -13.75
C VAL B 57 -0.44 8.93 -13.47
N LEU B 58 0.35 9.16 -14.52
CA LEU B 58 1.72 9.61 -14.32
C LEU B 58 1.72 10.99 -13.67
N LYS B 59 0.84 11.86 -14.18
CA LYS B 59 0.83 13.25 -13.74
C LYS B 59 0.63 13.29 -12.22
N VAL B 60 -0.45 12.68 -11.76
CA VAL B 60 -0.77 12.57 -10.34
C VAL B 60 0.41 12.06 -9.52
N PHE B 61 1.11 11.07 -10.07
CA PHE B 61 2.25 10.51 -9.37
C PHE B 61 3.32 11.60 -9.19
N LEU B 62 3.74 12.20 -10.31
CA LEU B 62 4.78 13.22 -10.28
C LEU B 62 4.39 14.39 -9.38
N GLU B 63 3.17 14.90 -9.58
CA GLU B 63 2.65 15.97 -8.76
C GLU B 63 2.85 15.64 -7.29
N ASN B 64 2.61 14.39 -6.92
CA ASN B 64 2.67 14.05 -5.52
C ASN B 64 4.09 13.99 -4.99
N VAL B 65 5.00 13.51 -5.81
CA VAL B 65 6.40 13.41 -5.38
C VAL B 65 7.03 14.81 -5.33
N ILE B 66 6.87 15.53 -6.43
CA ILE B 66 7.51 16.83 -6.62
C ILE B 66 7.03 17.84 -5.58
N ARG B 67 5.73 17.87 -5.32
CA ARG B 67 5.20 18.75 -4.29
C ARG B 67 5.94 18.54 -2.99
N ASP B 68 6.29 17.28 -2.71
CA ASP B 68 7.04 16.98 -1.51
C ASP B 68 8.49 17.42 -1.68
N ALA B 69 9.08 17.02 -2.80
CA ALA B 69 10.49 17.32 -3.07
C ALA B 69 10.74 18.81 -2.93
N VAL B 70 9.97 19.58 -3.69
CA VAL B 70 10.00 21.04 -3.62
C VAL B 70 9.94 21.53 -2.18
N THR B 71 9.00 21.00 -1.41
CA THR B 71 8.86 21.40 -0.01
C THR B 71 10.15 21.13 0.77
N TYR B 72 10.72 19.94 0.60
CA TYR B 72 11.99 19.61 1.22
C TYR B 72 13.02 20.67 0.86
N THR B 73 13.07 21.00 -0.43
CA THR B 73 14.00 22.01 -0.92
C THR B 73 13.82 23.34 -0.20
N GLU B 74 12.58 23.74 0.05
CA GLU B 74 12.33 25.01 0.72
C GLU B 74 12.95 25.01 2.11
N HIS B 75 12.92 23.86 2.76
CA HIS B 75 13.42 23.78 4.12
C HIS B 75 14.92 23.62 4.14
N ALA B 76 15.51 23.43 2.96
CA ALA B 76 16.95 23.39 2.83
C ALA B 76 17.50 24.78 2.49
N LYS B 77 16.60 25.75 2.43
CA LYS B 77 16.93 27.12 2.07
C LYS B 77 17.59 27.29 0.68
N ARG B 78 17.17 26.48 -0.29
CA ARG B 78 17.70 26.60 -1.66
C ARG B 78 16.61 26.53 -2.74
N LYS B 79 16.93 26.99 -3.95
CA LYS B 79 16.04 26.86 -5.11
C LYS B 79 16.43 25.70 -6.02
N THR B 80 17.45 24.95 -5.62
CA THR B 80 17.91 23.79 -6.37
C THR B 80 17.44 22.49 -5.70
N VAL B 81 16.81 21.62 -6.48
CA VAL B 81 16.29 20.35 -5.98
C VAL B 81 17.34 19.28 -6.18
N THR B 82 17.76 18.64 -5.09
CA THR B 82 18.79 17.61 -5.19
C THR B 82 18.15 16.24 -5.30
N ALA B 83 18.97 15.22 -5.50
CA ALA B 83 18.44 13.87 -5.67
C ALA B 83 18.00 13.32 -4.32
N MET B 84 18.62 13.84 -3.26
CA MET B 84 18.28 13.40 -1.94
C MET B 84 16.90 13.94 -1.53
N ASP B 85 16.55 15.10 -2.08
CA ASP B 85 15.24 15.66 -1.81
C ASP B 85 14.22 14.71 -2.43
N VAL B 86 14.50 14.26 -3.64
CA VAL B 86 13.60 13.36 -4.33
C VAL B 86 13.52 12.02 -3.59
N VAL B 87 14.66 11.55 -3.11
CA VAL B 87 14.68 10.29 -2.37
C VAL B 87 13.79 10.37 -1.13
N TYR B 88 13.97 11.44 -0.34
CA TYR B 88 13.11 11.67 0.82
C TYR B 88 11.64 11.77 0.43
N ALA B 89 11.37 12.43 -0.70
CA ALA B 89 10.00 12.61 -1.18
C ALA B 89 9.35 11.25 -1.48
N LEU B 90 10.06 10.43 -2.26
CA LEU B 90 9.64 9.07 -2.56
C LEU B 90 9.47 8.26 -1.30
N LYS B 91 10.37 8.42 -0.34
CA LYS B 91 10.26 7.65 0.88
C LYS B 91 9.01 8.07 1.64
N ARG B 92 8.56 9.31 1.44
CA ARG B 92 7.31 9.75 2.10
C ARG B 92 6.10 9.05 1.52
N GLN B 93 6.10 8.87 0.20
CA GLN B 93 5.00 8.20 -0.48
C GLN B 93 5.20 6.69 -0.38
N GLY B 94 6.27 6.28 0.28
CA GLY B 94 6.71 4.89 0.26
C GLY B 94 7.14 4.55 -1.15
N ARG B 95 7.43 3.27 -1.41
CA ARG B 95 7.54 2.83 -2.80
C ARG B 95 8.53 3.58 -3.74
N THR B 96 9.83 3.28 -3.65
CA THR B 96 10.46 2.56 -2.56
C THR B 96 11.75 3.31 -2.28
N LEU B 97 12.66 3.20 -3.26
CA LEU B 97 13.98 3.85 -3.29
C LEU B 97 14.81 3.31 -4.46
N THR C 2 -23.64 -1.66 20.16
CA THR C 2 -22.44 -2.48 19.97
C THR C 2 -22.58 -3.51 18.83
N GLU C 3 -22.05 -3.16 17.66
CA GLU C 3 -22.21 -3.97 16.43
C GLU C 3 -21.52 -5.32 16.51
N LEU C 4 -22.27 -6.40 16.26
CA LEU C 4 -21.75 -7.77 16.37
C LEU C 4 -20.93 -8.17 15.19
N LEU C 5 -19.65 -8.48 15.38
CA LEU C 5 -18.93 -9.13 14.30
C LEU C 5 -18.39 -10.51 14.74
N ILE C 6 -17.26 -10.50 15.45
CA ILE C 6 -16.74 -11.69 16.11
C ILE C 6 -17.13 -11.54 17.57
N ARG C 7 -17.54 -12.62 18.23
CA ARG C 7 -17.88 -12.48 19.65
C ARG C 7 -16.64 -12.33 20.50
N LYS C 8 -16.77 -11.55 21.56
CA LYS C 8 -15.67 -11.23 22.46
C LYS C 8 -14.93 -12.48 22.94
N LEU C 9 -15.62 -13.33 23.69
CA LEU C 9 -15.03 -14.52 24.28
C LEU C 9 -14.21 -15.43 23.31
N PRO C 10 -14.83 -15.87 22.19
CA PRO C 10 -14.03 -16.66 21.25
C PRO C 10 -12.78 -15.92 20.78
N PHE C 11 -12.90 -14.61 20.59
CA PHE C 11 -11.76 -13.81 20.17
C PHE C 11 -10.65 -13.78 21.22
N GLN C 12 -11.00 -13.40 22.45
CA GLN C 12 -10.07 -13.42 23.56
C GLN C 12 -9.35 -14.76 23.66
N ARG C 13 -10.09 -15.84 23.43
CA ARG C 13 -9.49 -17.14 23.57
C ARG C 13 -8.54 -17.44 22.42
N LEU C 14 -8.86 -16.91 21.24
CA LEU C 14 -7.97 -17.03 20.08
C LEU C 14 -6.64 -16.29 20.30
N VAL C 15 -6.74 -15.09 20.85
CA VAL C 15 -5.58 -14.28 21.07
C VAL C 15 -4.69 -14.98 22.08
N ARG C 16 -5.29 -15.41 23.19
CA ARG C 16 -4.51 -16.09 24.21
C ARG C 16 -3.87 -17.36 23.66
N GLU C 17 -4.62 -18.11 22.85
CA GLU C 17 -4.10 -19.37 22.32
C GLU C 17 -2.88 -19.13 21.42
N ILE C 18 -3.02 -18.16 20.52
CA ILE C 18 -1.91 -17.76 19.65
C ILE C 18 -0.69 -17.31 20.45
N ALA C 19 -0.92 -16.44 21.43
CA ALA C 19 0.17 -15.90 22.24
C ALA C 19 0.89 -16.96 23.08
N GLN C 20 0.17 -17.99 23.50
CA GLN C 20 0.75 -19.00 24.39
C GLN C 20 1.93 -19.74 23.77
N ASP C 21 2.09 -19.60 22.46
CA ASP C 21 3.25 -20.15 21.76
C ASP C 21 4.46 -19.26 22.01
N PHE C 22 4.35 -18.01 21.61
CA PHE C 22 5.42 -17.02 21.76
C PHE C 22 5.97 -16.88 23.19
N LYS C 23 5.07 -16.71 24.15
CA LYS C 23 5.45 -16.59 25.56
C LYS C 23 4.47 -17.33 26.46
N THR C 24 4.99 -18.14 27.37
CA THR C 24 4.16 -18.87 28.33
C THR C 24 3.73 -17.95 29.47
N ASP C 25 2.58 -18.23 30.08
CA ASP C 25 2.07 -17.46 31.22
C ASP C 25 1.91 -15.97 30.93
N LEU C 26 0.91 -15.62 30.12
CA LEU C 26 0.70 -14.23 29.71
C LEU C 26 -0.58 -13.64 30.30
N ARG C 27 -0.59 -12.32 30.42
CA ARG C 27 -1.76 -11.59 30.83
C ARG C 27 -2.04 -10.50 29.80
N PHE C 28 -3.30 -10.12 29.67
CA PHE C 28 -3.67 -9.06 28.74
C PHE C 28 -4.52 -7.99 29.40
N GLN C 29 -4.20 -6.73 29.18
CA GLN C 29 -5.15 -5.69 29.49
C GLN C 29 -6.33 -5.94 28.55
N SER C 30 -7.55 -5.84 29.04
CA SER C 30 -8.70 -6.08 28.18
C SER C 30 -8.70 -5.06 27.04
N ALA C 31 -8.15 -3.87 27.31
CA ALA C 31 -8.06 -2.83 26.30
C ALA C 31 -7.15 -3.30 25.18
N ALA C 32 -6.17 -4.12 25.52
CA ALA C 32 -5.29 -4.71 24.51
C ALA C 32 -6.07 -5.66 23.59
N ILE C 33 -6.84 -6.58 24.21
CA ILE C 33 -7.69 -7.45 23.44
C ILE C 33 -8.62 -6.63 22.54
N GLY C 34 -9.24 -5.61 23.12
CA GLY C 34 -10.12 -4.72 22.38
C GLY C 34 -9.45 -4.10 21.17
N ALA C 35 -8.20 -3.69 21.35
CA ALA C 35 -7.46 -3.05 20.26
C ALA C 35 -7.20 -4.06 19.16
N LEU C 36 -6.84 -5.28 19.56
CA LEU C 36 -6.64 -6.36 18.60
C LEU C 36 -7.93 -6.66 17.85
N GLN C 37 -9.05 -6.66 18.55
CA GLN C 37 -10.31 -7.03 17.92
C GLN C 37 -10.75 -5.97 16.94
N GLU C 38 -10.61 -4.71 17.36
CA GLU C 38 -10.96 -3.58 16.52
C GLU C 38 -10.15 -3.65 15.24
N ALA C 39 -8.85 -3.89 15.40
CA ALA C 39 -7.94 -3.94 14.25
C ALA C 39 -8.21 -5.14 13.31
N SER C 40 -8.52 -6.29 13.90
CA SER C 40 -8.76 -7.51 13.14
C SER C 40 -10.02 -7.40 12.31
N GLU C 41 -11.08 -6.94 12.96
CA GLU C 41 -12.35 -6.75 12.27
C GLU C 41 -12.23 -5.67 11.19
N ALA C 42 -11.51 -4.60 11.47
CA ALA C 42 -11.31 -3.56 10.46
C ALA C 42 -10.58 -4.13 9.24
N TYR C 43 -9.53 -4.88 9.52
CA TYR C 43 -8.75 -5.53 8.48
C TYR C 43 -9.63 -6.43 7.61
N LEU C 44 -10.36 -7.35 8.24
CA LEU C 44 -11.19 -8.28 7.50
C LEU C 44 -12.30 -7.59 6.71
N VAL C 45 -12.91 -6.57 7.29
CA VAL C 45 -13.94 -5.86 6.56
C VAL C 45 -13.36 -5.20 5.31
N GLY C 46 -12.23 -4.49 5.46
CA GLY C 46 -11.59 -3.88 4.31
C GLY C 46 -11.21 -4.90 3.25
N LEU C 47 -10.68 -6.04 3.72
CA LEU C 47 -10.27 -7.10 2.83
C LEU C 47 -11.48 -7.55 2.03
N PHE C 48 -12.61 -7.68 2.70
CA PHE C 48 -13.83 -8.15 2.04
C PHE C 48 -14.36 -7.12 1.05
N GLU C 49 -14.20 -5.84 1.35
CA GLU C 49 -14.59 -4.81 0.40
C GLU C 49 -13.77 -4.95 -0.89
N ASP C 50 -12.45 -5.10 -0.76
CA ASP C 50 -11.59 -5.23 -1.96
C ASP C 50 -11.86 -6.53 -2.73
N THR C 51 -12.07 -7.59 -1.97
CA THR C 51 -12.43 -8.87 -2.56
C THR C 51 -13.69 -8.73 -3.39
N ASN C 52 -14.66 -8.02 -2.84
CA ASN C 52 -15.89 -7.80 -3.53
C ASN C 52 -15.66 -7.10 -4.85
N LEU C 53 -14.86 -6.03 -4.80
CA LEU C 53 -14.47 -5.30 -6.01
C LEU C 53 -13.95 -6.22 -7.08
N CYS C 54 -13.14 -7.20 -6.67
CA CYS C 54 -12.60 -8.18 -7.62
C CYS C 54 -13.70 -9.04 -8.23
N ALA C 55 -14.53 -9.63 -7.37
CA ALA C 55 -15.66 -10.42 -7.86
C ALA C 55 -16.49 -9.65 -8.90
N ILE C 56 -16.82 -8.42 -8.56
CA ILE C 56 -17.61 -7.59 -9.44
C ILE C 56 -16.86 -7.40 -10.76
N HIS C 57 -15.56 -7.17 -10.67
CA HIS C 57 -14.72 -7.01 -11.87
C HIS C 57 -14.81 -8.24 -12.78
N ALA C 58 -14.95 -9.42 -12.19
CA ALA C 58 -15.11 -10.64 -12.98
C ALA C 58 -16.58 -10.98 -13.28
N LYS C 59 -17.48 -10.05 -12.94
CA LYS C 59 -18.92 -10.17 -13.21
C LYS C 59 -19.60 -11.27 -12.39
N ARG C 60 -19.04 -11.52 -11.21
CA ARG C 60 -19.62 -12.46 -10.27
C ARG C 60 -20.19 -11.69 -9.08
N VAL C 61 -21.30 -12.17 -8.53
CA VAL C 61 -21.75 -11.72 -7.23
C VAL C 61 -21.16 -12.58 -6.11
N THR C 62 -20.70 -13.76 -6.47
CA THR C 62 -20.15 -14.67 -5.48
C THR C 62 -18.66 -14.46 -5.36
N ILE C 63 -18.20 -14.20 -4.15
CA ILE C 63 -16.77 -14.07 -3.94
C ILE C 63 -16.13 -15.42 -3.71
N MET C 64 -14.87 -15.53 -4.14
CA MET C 64 -14.16 -16.79 -4.12
C MET C 64 -12.79 -16.56 -3.55
N PRO C 65 -12.14 -17.63 -3.10
CA PRO C 65 -10.75 -17.52 -2.64
C PRO C 65 -9.83 -16.76 -3.61
N LYS C 66 -9.99 -16.96 -4.92
CA LYS C 66 -9.18 -16.21 -5.89
C LYS C 66 -9.38 -14.69 -5.79
N ASP C 67 -10.56 -14.24 -5.38
CA ASP C 67 -10.82 -12.81 -5.24
C ASP C 67 -10.02 -12.28 -4.07
N ILE C 68 -10.02 -13.01 -2.98
CA ILE C 68 -9.20 -12.66 -1.82
C ILE C 68 -7.72 -12.64 -2.19
N GLN C 69 -7.30 -13.65 -2.93
CA GLN C 69 -5.90 -13.77 -3.27
C GLN C 69 -5.45 -12.64 -4.16
N LEU C 70 -6.32 -12.19 -5.05
CA LEU C 70 -5.99 -11.06 -5.91
C LEU C 70 -5.90 -9.79 -5.09
N ALA C 71 -6.96 -9.50 -4.34
CA ALA C 71 -6.96 -8.30 -3.52
C ALA C 71 -5.71 -8.24 -2.66
N ARG C 72 -5.42 -9.33 -1.96
CA ARG C 72 -4.23 -9.37 -1.11
C ARG C 72 -2.97 -9.17 -1.93
N ARG C 73 -2.93 -9.70 -3.15
CA ARG C 73 -1.76 -9.52 -4.01
C ARG C 73 -1.54 -8.05 -4.31
N ILE C 74 -2.61 -7.37 -4.70
CA ILE C 74 -2.52 -5.99 -5.15
C ILE C 74 -2.23 -5.05 -3.99
N ARG C 75 -2.70 -5.39 -2.80
CA ARG C 75 -2.33 -4.64 -1.60
C ARG C 75 -0.88 -4.91 -1.25
N GLY C 76 -0.29 -5.92 -1.89
CA GLY C 76 1.04 -6.36 -1.55
C GLY C 76 1.20 -7.00 -0.20
N GLU C 77 0.29 -7.89 0.18
CA GLU C 77 0.44 -8.62 1.43
C GLU C 77 1.06 -10.01 1.22
N ARG C 78 1.29 -10.41 -0.03
CA ARG C 78 1.10 -11.82 -0.43
C ARG C 78 1.84 -12.92 0.38
N ALA C 79 2.78 -12.52 1.23
CA ALA C 79 3.53 -13.45 2.07
C ALA C 79 2.64 -14.38 2.91
N ILE D 26 -10.40 -20.00 14.15
CA ILE D 26 -9.51 -21.15 14.28
C ILE D 26 -9.52 -21.74 15.69
N GLN D 27 -10.51 -22.60 15.93
CA GLN D 27 -11.67 -22.73 15.05
C GLN D 27 -12.80 -21.88 15.64
N GLY D 28 -12.44 -21.10 16.66
CA GLY D 28 -13.36 -20.23 17.36
C GLY D 28 -13.91 -19.12 16.49
N ILE D 29 -13.38 -19.00 15.27
CA ILE D 29 -13.93 -18.05 14.32
C ILE D 29 -15.02 -18.82 13.61
N THR D 30 -16.25 -18.45 13.91
CA THR D 30 -17.44 -19.19 13.49
C THR D 30 -17.86 -18.83 12.10
N LYS D 31 -18.59 -19.73 11.44
CA LYS D 31 -19.19 -19.37 10.16
C LYS D 31 -20.07 -18.10 10.25
N PRO D 32 -20.95 -18.02 11.27
CA PRO D 32 -21.72 -16.79 11.38
C PRO D 32 -20.87 -15.54 11.55
N ALA D 33 -19.76 -15.63 12.28
CA ALA D 33 -18.87 -14.48 12.39
C ALA D 33 -18.36 -14.02 11.00
N ILE D 34 -17.97 -15.00 10.19
CA ILE D 34 -17.42 -14.70 8.89
C ILE D 34 -18.47 -14.11 7.96
N ARG D 35 -19.70 -14.62 8.06
CA ARG D 35 -20.81 -14.05 7.31
C ARG D 35 -21.09 -12.64 7.77
N ARG D 36 -21.06 -12.41 9.07
CA ARG D 36 -21.31 -11.06 9.59
C ARG D 36 -20.30 -10.10 9.01
N LEU D 37 -19.03 -10.52 8.98
CA LEU D 37 -17.95 -9.67 8.49
C LEU D 37 -18.14 -9.39 7.01
N ALA D 38 -18.26 -10.45 6.22
CA ALA D 38 -18.51 -10.33 4.80
C ALA D 38 -19.69 -9.39 4.49
N ARG D 39 -20.77 -9.53 5.27
CA ARG D 39 -21.93 -8.69 5.08
C ARG D 39 -21.57 -7.24 5.33
N ARG D 40 -20.74 -7.05 6.34
CA ARG D 40 -20.36 -5.70 6.73
C ARG D 40 -19.47 -5.07 5.67
N GLY D 41 -18.83 -5.93 4.89
CA GLY D 41 -17.96 -5.49 3.82
C GLY D 41 -18.70 -5.41 2.50
N GLY D 42 -20.02 -5.56 2.54
CA GLY D 42 -20.85 -5.35 1.36
C GLY D 42 -21.00 -6.55 0.45
N VAL D 43 -20.47 -7.69 0.86
CA VAL D 43 -20.56 -8.94 0.14
C VAL D 43 -21.98 -9.55 0.21
N LYS D 44 -22.53 -9.93 -0.96
CA LYS D 44 -23.87 -10.51 -1.03
C LYS D 44 -23.95 -12.04 -1.14
N ARG D 45 -22.82 -12.74 -1.32
CA ARG D 45 -22.85 -14.18 -1.54
C ARG D 45 -21.44 -14.72 -1.56
N ILE D 46 -21.25 -15.97 -1.09
CA ILE D 46 -19.88 -16.51 -0.92
C ILE D 46 -19.72 -17.94 -1.39
N SER D 47 -18.52 -18.29 -1.84
CA SER D 47 -18.24 -19.67 -2.19
C SER D 47 -18.08 -20.41 -0.86
N GLY D 48 -18.01 -21.74 -0.91
CA GLY D 48 -17.96 -22.52 0.30
C GLY D 48 -16.57 -22.47 0.89
N LEU D 49 -15.59 -22.24 0.03
CA LEU D 49 -14.20 -22.25 0.45
C LEU D 49 -13.76 -20.94 1.10
N ILE D 50 -14.65 -19.95 1.09
CA ILE D 50 -14.36 -18.64 1.67
C ILE D 50 -14.02 -18.75 3.17
N TYR D 51 -14.81 -19.56 3.89
CA TYR D 51 -14.62 -19.67 5.33
C TYR D 51 -13.18 -19.99 5.69
N GLU D 52 -12.68 -21.10 5.15
CA GLU D 52 -11.30 -21.50 5.39
C GLU D 52 -10.32 -20.40 5.03
N GLU D 53 -10.50 -19.79 3.86
CA GLU D 53 -9.58 -18.75 3.43
C GLU D 53 -9.51 -17.67 4.49
N THR D 54 -10.68 -17.23 4.93
CA THR D 54 -10.75 -16.11 5.84
C THR D 54 -10.02 -16.44 7.13
N ARG D 55 -10.24 -17.66 7.63
CA ARG D 55 -9.61 -18.07 8.87
C ARG D 55 -8.11 -17.98 8.69
N GLY D 56 -7.63 -18.53 7.57
CA GLY D 56 -6.21 -18.51 7.27
C GLY D 56 -5.68 -17.10 7.37
N VAL D 57 -6.37 -16.19 6.69
CA VAL D 57 -5.95 -14.81 6.63
C VAL D 57 -5.91 -14.22 8.03
N LEU D 58 -6.96 -14.45 8.79
CA LEU D 58 -7.05 -13.81 10.09
C LEU D 58 -5.90 -14.30 10.90
N LYS D 59 -5.65 -15.61 10.78
CA LYS D 59 -4.62 -16.23 11.60
C LYS D 59 -3.31 -15.47 11.38
N VAL D 60 -2.94 -15.31 10.10
CA VAL D 60 -1.64 -14.75 9.79
C VAL D 60 -1.53 -13.36 10.39
N PHE D 61 -2.60 -12.60 10.22
CA PHE D 61 -2.62 -11.24 10.67
C PHE D 61 -2.34 -11.24 12.16
N LEU D 62 -3.13 -12.01 12.89
CA LEU D 62 -3.01 -12.04 14.34
C LEU D 62 -1.65 -12.56 14.78
N GLU D 63 -1.09 -13.49 14.02
CA GLU D 63 0.18 -14.07 14.45
C GLU D 63 1.21 -12.98 14.38
N ASN D 64 1.14 -12.18 13.32
CA ASN D 64 2.11 -11.11 13.13
C ASN D 64 2.06 -10.12 14.27
N VAL D 65 0.91 -9.43 14.37
CA VAL D 65 0.73 -8.37 15.32
C VAL D 65 1.12 -8.82 16.72
N ILE D 66 0.50 -9.91 17.17
CA ILE D 66 0.74 -10.41 18.51
C ILE D 66 2.23 -10.65 18.75
N ARG D 67 2.91 -11.27 17.78
CA ARG D 67 4.33 -11.52 17.94
C ARG D 67 5.02 -10.22 18.31
N ASP D 68 4.82 -9.19 17.48
CA ASP D 68 5.40 -7.89 17.73
C ASP D 68 5.01 -7.40 19.12
N ALA D 69 3.72 -7.46 19.43
CA ALA D 69 3.21 -6.98 20.71
C ALA D 69 3.94 -7.67 21.85
N VAL D 70 4.10 -8.99 21.74
CA VAL D 70 4.70 -9.75 22.82
C VAL D 70 6.15 -9.32 23.02
N THR D 71 6.81 -9.03 21.91
CA THR D 71 8.20 -8.61 21.97
C THR D 71 8.25 -7.29 22.72
N TYR D 72 7.32 -6.38 22.43
CA TYR D 72 7.30 -5.10 23.10
C TYR D 72 7.15 -5.33 24.60
N THR D 73 6.43 -6.38 24.94
CA THR D 73 6.16 -6.69 26.34
C THR D 73 7.39 -7.28 27.02
N GLU D 74 8.19 -8.03 26.26
CA GLU D 74 9.34 -8.70 26.84
C GLU D 74 10.38 -7.66 27.20
N HIS D 75 10.50 -6.66 26.34
CA HIS D 75 11.43 -5.56 26.54
C HIS D 75 10.97 -4.64 27.66
N ALA D 76 9.66 -4.45 27.79
CA ALA D 76 9.10 -3.72 28.92
C ALA D 76 9.37 -4.43 30.24
N LYS D 77 9.72 -5.71 30.14
CA LYS D 77 10.00 -6.55 31.30
C LYS D 77 8.79 -6.72 32.23
N ARG D 78 7.66 -7.07 31.63
CA ARG D 78 6.48 -7.50 32.38
C ARG D 78 5.88 -8.71 31.68
N LYS D 79 4.99 -9.40 32.38
CA LYS D 79 4.29 -10.55 31.80
C LYS D 79 2.93 -10.11 31.26
N THR D 80 2.64 -8.81 31.36
CA THR D 80 1.34 -8.28 30.95
C THR D 80 1.38 -7.42 29.69
N VAL D 81 0.63 -7.86 28.67
CA VAL D 81 0.51 -7.12 27.42
C VAL D 81 -0.47 -5.97 27.60
N THR D 82 -0.13 -4.79 27.08
CA THR D 82 -0.98 -3.61 27.26
C THR D 82 -1.47 -3.06 25.93
N ALA D 83 -2.50 -2.20 26.01
CA ALA D 83 -3.05 -1.57 24.82
C ALA D 83 -1.98 -0.81 24.02
N MET D 84 -1.05 -0.16 24.73
CA MET D 84 0.02 0.56 24.04
C MET D 84 0.95 -0.37 23.26
N ASP D 85 1.30 -1.50 23.87
CA ASP D 85 2.11 -2.51 23.20
C ASP D 85 1.45 -2.88 21.87
N VAL D 86 0.14 -3.09 21.94
CA VAL D 86 -0.63 -3.45 20.77
C VAL D 86 -0.65 -2.34 19.73
N VAL D 87 -0.79 -1.10 20.19
CA VAL D 87 -0.83 0.05 19.28
C VAL D 87 0.48 0.14 18.52
N TYR D 88 1.59 -0.02 19.23
CA TYR D 88 2.91 0.00 18.62
C TYR D 88 3.07 -1.14 17.61
N ALA D 89 2.61 -2.33 18.01
CA ALA D 89 2.72 -3.48 17.14
C ALA D 89 1.91 -3.25 15.86
N LEU D 90 0.80 -2.56 15.99
CA LEU D 90 -0.07 -2.27 14.86
C LEU D 90 0.60 -1.24 13.98
N LYS D 91 1.18 -0.24 14.62
CA LYS D 91 1.89 0.82 13.94
C LYS D 91 2.99 0.18 13.11
N ARG D 92 3.66 -0.82 13.70
CA ARG D 92 4.81 -1.44 13.06
C ARG D 92 4.46 -2.19 11.78
N GLN D 93 3.19 -2.43 11.54
CA GLN D 93 2.78 -3.15 10.34
C GLN D 93 2.49 -2.16 9.21
N GLY D 94 3.36 -2.16 8.20
CA GLY D 94 3.34 -1.16 7.15
C GLY D 94 4.75 -0.66 6.86
N ASP E 8 -23.35 -24.06 -6.49
CA ASP E 8 -22.60 -22.80 -6.56
C ASP E 8 -22.41 -22.16 -5.19
N GLY E 9 -22.80 -20.91 -5.05
CA GLY E 9 -22.51 -20.14 -3.84
C GLY E 9 -23.43 -20.35 -2.67
N GLU E 10 -23.47 -19.37 -1.77
CA GLU E 10 -24.37 -19.34 -0.63
C GLU E 10 -24.85 -17.90 -0.39
N GLU E 11 -26.16 -17.68 -0.34
CA GLU E 11 -26.70 -16.32 -0.19
C GLU E 11 -26.52 -15.80 1.23
N LEU E 12 -26.00 -14.58 1.38
CA LEU E 12 -25.85 -14.01 2.71
C LEU E 12 -27.07 -13.23 3.15
N ILE E 13 -27.92 -12.89 2.19
CA ILE E 13 -29.11 -12.10 2.46
C ILE E 13 -30.35 -12.90 2.04
N GLY E 14 -31.27 -13.13 2.97
CA GLY E 14 -32.48 -13.86 2.66
C GLY E 14 -33.20 -14.32 3.90
N ASP E 15 -34.29 -15.07 3.72
CA ASP E 15 -35.08 -15.54 4.85
C ASP E 15 -34.17 -16.28 5.82
N GLY E 16 -34.17 -15.84 7.07
CA GLY E 16 -33.46 -16.55 8.10
C GLY E 16 -32.18 -15.94 8.58
N MET E 17 -31.73 -14.84 7.99
CA MET E 17 -30.42 -14.32 8.37
C MET E 17 -30.37 -13.79 9.80
N GLU E 18 -31.54 -13.56 10.40
CA GLU E 18 -31.61 -13.15 11.80
C GLU E 18 -30.77 -14.05 12.69
N ARG E 19 -30.66 -15.34 12.36
CA ARG E 19 -29.82 -16.30 13.12
C ARG E 19 -28.45 -15.70 13.49
N ASP E 20 -27.85 -14.95 12.55
CA ASP E 20 -26.47 -14.51 12.71
C ASP E 20 -26.34 -13.36 13.69
N TYR E 21 -27.45 -12.69 13.91
CA TYR E 21 -27.52 -11.45 14.69
C TYR E 21 -27.96 -11.55 16.15
N ARG E 22 -28.01 -12.76 16.66
CA ARG E 22 -28.46 -12.97 18.05
C ARG E 22 -27.49 -12.52 19.15
N ALA E 23 -28.04 -12.00 20.23
CA ALA E 23 -27.21 -11.58 21.37
C ALA E 23 -27.00 -12.76 22.31
N ILE E 24 -25.75 -13.05 22.64
CA ILE E 24 -25.46 -14.17 23.54
C ILE E 24 -24.58 -13.75 24.71
N PRO E 25 -25.21 -13.33 25.82
CA PRO E 25 -24.52 -12.69 26.94
C PRO E 25 -23.28 -13.44 27.44
N GLU E 26 -23.36 -14.76 27.53
CA GLU E 26 -22.24 -15.59 27.92
C GLU E 26 -21.04 -15.37 27.00
N LEU E 27 -21.29 -15.24 25.71
CA LEU E 27 -20.21 -15.05 24.73
C LEU E 27 -19.89 -13.60 24.39
N ASP E 28 -20.72 -12.65 24.80
CA ASP E 28 -20.56 -11.29 24.30
C ASP E 28 -19.65 -10.40 25.16
N ALA E 29 -19.00 -11.01 26.14
CA ALA E 29 -18.07 -10.29 27.00
C ALA E 29 -16.79 -11.10 27.20
N TYR E 30 -15.66 -10.39 27.38
CA TYR E 30 -14.40 -11.05 27.70
C TYR E 30 -14.48 -11.65 29.08
N GLU E 31 -14.11 -12.93 29.18
CA GLU E 31 -14.05 -13.59 30.48
C GLU E 31 -12.81 -13.10 31.18
N ALA E 32 -12.64 -13.50 32.44
CA ALA E 32 -11.55 -12.95 33.25
C ALA E 32 -10.26 -13.74 33.20
N GLU E 33 -10.28 -14.94 32.61
CA GLU E 33 -9.08 -15.76 32.52
C GLU E 33 -8.49 -15.72 31.11
N GLY E 34 -7.38 -14.99 30.96
CA GLY E 34 -6.92 -14.18 32.06
C GLY E 34 -6.31 -12.89 31.57
N LEU E 35 -6.42 -11.88 32.43
CA LEU E 35 -6.33 -10.49 32.02
C LEU E 35 -5.61 -9.70 33.08
N ALA E 36 -5.42 -8.41 32.83
CA ALA E 36 -4.82 -7.51 33.81
C ALA E 36 -5.65 -7.54 35.08
N LEU E 37 -4.99 -7.61 36.22
CA LEU E 37 -5.69 -7.70 37.50
C LEU E 37 -6.47 -6.42 37.80
N ASP E 38 -6.16 -5.36 37.04
CA ASP E 38 -6.78 -4.03 37.22
C ASP E 38 -6.36 -3.35 38.53
N ASP E 39 -5.66 -4.10 39.38
CA ASP E 39 -4.95 -3.56 40.53
C ASP E 39 -3.58 -3.22 39.98
N GLU E 40 -3.48 -3.34 38.65
CA GLU E 40 -2.23 -3.20 37.92
C GLU E 40 -1.55 -1.87 38.16
N ASP E 41 -0.31 -1.96 38.62
CA ASP E 41 0.62 -0.85 38.55
C ASP E 41 1.51 -1.22 37.37
N VAL E 42 1.34 -0.52 36.26
CA VAL E 42 2.04 -0.89 35.04
C VAL E 42 2.69 0.33 34.37
N GLU E 43 3.80 0.10 33.70
CA GLU E 43 4.55 1.19 33.08
C GLU E 43 4.60 1.03 31.58
N GLU E 44 4.50 2.16 30.88
CA GLU E 44 4.56 2.17 29.42
C GLU E 44 6.00 1.97 28.96
N LEU E 45 6.23 2.15 27.67
CA LEU E 45 7.56 1.93 27.12
C LEU E 45 8.42 3.17 27.05
N THR E 46 9.54 3.14 27.76
CA THR E 46 10.58 4.14 27.58
C THR E 46 11.12 3.98 26.17
N ALA E 47 11.39 5.10 25.50
CA ALA E 47 11.82 5.08 24.11
C ALA E 47 13.07 4.22 23.92
N SER E 48 13.85 4.07 24.98
CA SER E 48 15.01 3.18 24.98
C SER E 48 14.57 1.74 24.70
N GLN E 49 13.56 1.29 25.43
CA GLN E 49 13.03 -0.05 25.27
C GLN E 49 12.25 -0.21 23.97
N ARG E 50 11.62 0.87 23.53
CA ARG E 50 10.89 0.86 22.27
C ARG E 50 11.87 0.66 21.12
N GLU E 51 12.96 1.42 21.14
CA GLU E 51 13.98 1.37 20.09
C GLU E 51 14.74 0.07 20.14
N ALA E 52 15.00 -0.43 21.35
CA ALA E 52 15.64 -1.72 21.53
C ALA E 52 14.78 -2.79 20.89
N ALA E 53 13.49 -2.73 21.20
CA ALA E 53 12.51 -3.67 20.65
C ALA E 53 12.49 -3.65 19.14
N GLU E 54 12.29 -2.48 18.55
CA GLU E 54 12.19 -2.38 17.11
C GLU E 54 13.49 -2.74 16.39
N ARG E 55 14.63 -2.51 17.04
CA ARG E 55 15.92 -2.96 16.50
C ARG E 55 15.97 -4.49 16.46
N ALA E 56 15.64 -5.10 17.60
CA ALA E 56 15.61 -6.56 17.71
C ALA E 56 14.67 -7.20 16.69
N MET E 57 13.50 -6.61 16.52
CA MET E 57 12.50 -7.11 15.58
C MET E 57 12.95 -6.90 14.14
N ARG E 58 13.65 -5.80 13.90
CA ARG E 58 14.19 -5.54 12.56
C ARG E 58 15.18 -6.64 12.21
N GLN E 59 16.04 -6.97 13.17
CA GLN E 59 17.01 -8.05 12.98
C GLN E 59 16.32 -9.40 12.80
N ARG E 60 15.28 -9.63 13.60
CA ARG E 60 14.49 -10.84 13.50
C ARG E 60 13.96 -11.02 12.09
N ASP E 61 13.38 -9.95 11.56
CA ASP E 61 12.85 -9.93 10.19
C ASP E 61 13.93 -10.19 9.15
N ARG E 62 15.08 -9.52 9.29
CA ARG E 62 16.16 -9.66 8.32
C ARG E 62 16.57 -11.11 8.14
N GLU E 63 16.71 -11.84 9.24
CA GLU E 63 17.19 -13.21 9.19
C GLU E 63 16.14 -14.17 8.60
N ALA E 64 14.94 -13.65 8.34
CA ALA E 64 13.88 -14.41 7.68
C ALA E 64 13.56 -13.89 6.26
N GLY E 65 12.92 -12.75 6.16
CA GLY E 65 12.52 -12.18 4.87
C GLY E 65 11.49 -11.07 4.97
N ASP F 8 -10.94 -4.25 -30.91
CA ASP F 8 -10.63 -4.62 -29.53
C ASP F 8 -9.44 -3.81 -28.99
N GLY F 9 -8.22 -4.17 -29.40
CA GLY F 9 -7.02 -3.50 -28.92
C GLY F 9 -5.80 -3.65 -29.84
N GLU F 10 -4.63 -3.23 -29.36
CA GLU F 10 -3.38 -3.37 -30.10
C GLU F 10 -2.52 -4.51 -29.55
N GLU F 11 -2.07 -5.42 -30.41
CA GLU F 11 -1.12 -6.43 -29.97
C GLU F 11 0.25 -5.82 -29.73
N LEU F 12 0.80 -5.98 -28.53
CA LEU F 12 2.08 -5.37 -28.22
C LEU F 12 3.25 -6.16 -28.75
N ILE F 13 3.08 -7.48 -28.86
CA ILE F 13 4.16 -8.30 -29.38
C ILE F 13 3.84 -8.90 -30.75
N GLY F 14 4.55 -8.43 -31.77
CA GLY F 14 4.32 -8.91 -33.11
C GLY F 14 5.08 -8.08 -34.10
N ASP F 15 4.77 -8.30 -35.38
CA ASP F 15 5.48 -7.69 -36.48
C ASP F 15 5.60 -6.19 -36.29
N GLY F 16 6.82 -5.67 -36.43
CA GLY F 16 7.04 -4.23 -36.33
C GLY F 16 7.23 -3.67 -34.93
N MET F 17 7.41 -4.53 -33.93
CA MET F 17 7.59 -4.03 -32.58
C MET F 17 8.93 -3.30 -32.46
N GLU F 18 9.88 -3.67 -33.32
CA GLU F 18 11.18 -3.02 -33.32
C GLU F 18 11.09 -1.50 -33.48
N ARG F 19 10.02 -1.00 -34.11
CA ARG F 19 9.81 0.44 -34.24
C ARG F 19 9.84 1.19 -32.91
N ASP F 20 9.39 0.52 -31.86
CA ASP F 20 9.33 1.15 -30.55
C ASP F 20 10.69 1.19 -29.85
N TYR F 21 11.66 0.50 -30.45
CA TYR F 21 12.99 0.36 -29.88
C TYR F 21 14.16 1.13 -30.49
N ARG F 22 13.87 2.10 -31.36
CA ARG F 22 14.92 2.83 -32.05
C ARG F 22 15.53 3.99 -31.22
N ALA F 23 16.58 4.62 -31.71
CA ALA F 23 17.12 5.80 -31.04
C ALA F 23 16.58 7.08 -31.68
N ILE F 24 16.22 8.05 -30.83
CA ILE F 24 15.91 9.39 -31.34
C ILE F 24 16.84 10.39 -30.66
N PRO F 25 18.00 10.62 -31.27
CA PRO F 25 19.09 11.37 -30.64
C PRO F 25 18.64 12.67 -29.96
N GLU F 26 17.81 13.47 -30.62
CA GLU F 26 17.37 14.75 -30.08
C GLU F 26 16.55 14.64 -28.79
N LEU F 27 15.88 13.51 -28.59
CA LEU F 27 15.09 13.29 -27.39
C LEU F 27 15.81 12.48 -26.32
N ASP F 28 17.00 12.00 -26.63
CA ASP F 28 17.61 10.93 -25.82
C ASP F 28 18.55 11.43 -24.72
N ALA F 29 18.63 12.74 -24.55
CA ALA F 29 19.49 13.35 -23.55
C ALA F 29 18.78 14.54 -22.89
N TYR F 30 19.04 14.76 -21.60
CA TYR F 30 18.52 15.96 -20.92
C TYR F 30 19.13 17.22 -21.49
N GLU F 31 18.36 18.31 -21.53
CA GLU F 31 18.90 19.57 -22.01
C GLU F 31 19.39 20.36 -20.80
N ALA F 32 20.05 21.48 -21.03
CA ALA F 32 20.67 22.19 -19.92
C ALA F 32 19.71 23.16 -19.26
N GLU F 33 18.59 23.45 -19.92
CA GLU F 33 17.65 24.39 -19.36
C GLU F 33 16.98 23.77 -18.15
N GLY F 34 16.94 24.53 -17.06
CA GLY F 34 16.38 24.06 -15.82
C GLY F 34 17.41 23.37 -14.96
N LEU F 35 18.51 22.92 -15.56
CA LEU F 35 19.48 22.13 -14.82
C LEU F 35 20.41 22.98 -13.98
N ALA F 36 20.53 22.60 -12.72
CA ALA F 36 21.50 23.22 -11.85
C ALA F 36 22.77 22.38 -11.92
N LEU F 37 23.81 22.95 -12.49
CA LEU F 37 25.10 22.29 -12.60
C LEU F 37 26.15 23.39 -12.51
N ASP F 38 27.37 23.05 -12.13
CA ASP F 38 27.81 21.71 -11.72
C ASP F 38 28.52 21.88 -10.38
N ASP F 39 29.53 22.75 -10.42
CA ASP F 39 30.46 23.01 -9.32
C ASP F 39 29.81 23.43 -8.00
N GLU F 40 28.50 23.66 -8.03
CA GLU F 40 27.75 24.10 -6.85
C GLU F 40 28.05 23.21 -5.64
N ASP F 41 28.21 23.87 -4.50
CA ASP F 41 28.58 23.22 -3.25
C ASP F 41 27.34 22.78 -2.46
N VAL F 42 26.18 22.86 -3.10
CA VAL F 42 24.88 22.68 -2.46
C VAL F 42 24.82 21.46 -1.56
N GLU F 43 24.32 21.64 -0.34
CA GLU F 43 24.29 20.57 0.64
C GLU F 43 22.87 20.15 1.03
N GLU F 44 22.74 18.94 1.53
CA GLU F 44 21.42 18.35 1.74
C GLU F 44 20.77 18.79 3.05
N LEU F 45 19.57 18.26 3.27
CA LEU F 45 18.83 18.49 4.49
C LEU F 45 19.54 17.92 5.70
N THR F 46 19.52 18.65 6.80
CA THR F 46 19.91 18.09 8.09
C THR F 46 18.69 17.36 8.62
N ALA F 47 18.84 16.68 9.76
CA ALA F 47 17.75 15.90 10.30
C ALA F 47 16.62 16.80 10.82
N SER F 48 16.97 17.98 11.31
CA SER F 48 15.97 18.91 11.83
C SER F 48 15.23 19.65 10.72
N GLN F 49 15.95 19.95 9.63
CA GLN F 49 15.33 20.55 8.45
C GLN F 49 14.34 19.56 7.84
N ARG F 50 14.79 18.31 7.79
CA ARG F 50 13.97 17.23 7.27
C ARG F 50 12.72 17.08 8.11
N GLU F 51 12.92 16.90 9.42
CA GLU F 51 11.81 16.71 10.35
C GLU F 51 10.81 17.87 10.29
N ALA F 52 11.32 19.10 10.16
CA ALA F 52 10.45 20.27 10.03
C ALA F 52 9.59 20.21 8.77
N ALA F 53 10.23 19.86 7.65
CA ALA F 53 9.52 19.75 6.39
C ALA F 53 8.42 18.68 6.47
N GLU F 54 8.76 17.56 7.08
CA GLU F 54 7.83 16.45 7.15
C GLU F 54 6.67 16.78 8.09
N ARG F 55 6.98 17.56 9.12
CA ARG F 55 5.96 18.10 10.02
C ARG F 55 4.98 18.94 9.22
N ALA F 56 5.50 19.89 8.45
CA ALA F 56 4.68 20.76 7.62
C ALA F 56 3.81 19.98 6.62
N MET F 57 4.36 18.90 6.10
CA MET F 57 3.63 18.08 5.13
C MET F 57 2.52 17.25 5.79
N ARG F 58 2.78 16.77 7.00
CA ARG F 58 1.73 16.18 7.83
C ARG F 58 0.61 17.18 8.03
N GLN F 59 0.99 18.41 8.38
CA GLN F 59 0.03 19.48 8.58
C GLN F 59 -0.87 19.65 7.36
N ARG F 60 -0.27 20.01 6.22
CA ARG F 60 -1.05 20.23 5.00
C ARG F 60 -1.91 19.01 4.64
N ASP F 61 -1.41 17.82 4.94
CA ASP F 61 -2.20 16.60 4.73
C ASP F 61 -3.43 16.56 5.63
N ARG F 62 -3.28 17.03 6.87
CA ARG F 62 -4.39 17.09 7.81
C ARG F 62 -5.42 18.10 7.31
N GLU F 63 -4.95 19.26 6.86
CA GLU F 63 -5.83 20.32 6.37
C GLU F 63 -6.57 19.98 5.07
N ALA F 64 -6.20 18.85 4.45
CA ALA F 64 -6.89 18.38 3.25
C ALA F 64 -7.66 17.08 3.54
P PO4 G . 2.13 4.76 -33.83
O1 PO4 G . 1.54 3.38 -33.94
O2 PO4 G . 1.57 5.50 -32.62
O3 PO4 G . 3.65 4.69 -33.72
O4 PO4 G . 1.80 5.49 -35.11
P PO4 H . 20.87 22.50 -29.60
O1 PO4 H . 21.35 21.21 -28.95
O2 PO4 H . 19.41 22.39 -29.99
O3 PO4 H . 21.02 23.64 -28.61
O4 PO4 H . 21.69 22.75 -30.84
P PO4 I . -21.57 -17.13 16.58
O1 PO4 I . -21.75 -18.42 15.81
O2 PO4 I . -22.83 -16.31 16.43
O3 PO4 I . -21.30 -17.42 18.03
O4 PO4 I . -20.33 -16.41 16.06
#